data_2HY9
#
_entry.id   2HY9
#
_entity_poly.entity_id   1
_entity_poly.type   'polydeoxyribonucleotide'
_entity_poly.pdbx_seq_one_letter_code
;(DA)(DA)(DA)(DG)(DG)(DG)(DT)(DT)(DA)(DG)(DG)(DG)(DT)(DT)(DA)(DG)(DG)(DG)(DT)(DT)
(DA)(DG)(DG)(DG)(DA)(DA)
;
_entity_poly.pdbx_strand_id   1
#